data_8H5U
#
_entry.id   8H5U
#
_cell.length_a   78.072
_cell.length_b   104.827
_cell.length_c   107.053
_cell.angle_alpha   90.000
_cell.angle_beta   90.000
_cell.angle_gamma   90.000
#
_symmetry.space_group_name_H-M   'P 21 21 21'
#
loop_
_entity.id
_entity.type
_entity.pdbx_description
1 polymer 'Spike protein S1'
2 polymer 'Nanobody Nb-021'
3 branched 2-acetamido-2-deoxy-beta-D-glucopyranose-(1-4)-2-acetamido-2-deoxy-beta-D-glucopyranose
4 non-polymer 2-acetamido-2-deoxy-beta-D-glucopyranose
5 water water
#
loop_
_entity_poly.entity_id
_entity_poly.type
_entity_poly.pdbx_seq_one_letter_code
_entity_poly.pdbx_strand_id
1 'polypeptide(L)'
;VQPTESIVRFPNITNLCPFGEVFNATRFASVYAWNRKRISNCVADYSVLYNSASFSTFKCYGVSPTKLNDLCFTNVYADS
FVIRGDEVRQIAPGQTGKIADYNYKLPDDFTGCVIAWNSNNLDSKVGGNYNYLYRLFRKSNLKPFERDISTEIYQAGSTP
CNGVEGFNCYFPLQSYGFQPTNGVGYQPYRVVVLSFELLHAPATVCGPKKSTNLVKNK
;
A,C
2 'polypeptide(L)'
;EVQVVESGGGLVQPGGSLRLSCAASGTGSTFSTYAMGWYRQAPGNQHERVAIIDSVGNTNYPDSVKGRFTISRDNAKNTG
YLQMNSLKSEDTAVYYCNLGTIWGQGTQVTVSSHHHHHH
;
B,D
#
loop_
_chem_comp.id
_chem_comp.type
_chem_comp.name
_chem_comp.formula
NAG D-saccharide, beta linking 2-acetamido-2-deoxy-beta-D-glucopyranose 'C8 H15 N O6'
#
# COMPACT_ATOMS: atom_id res chain seq x y z
N ASN A 15 14.35 37.90 12.09
CA ASN A 15 14.30 36.74 12.98
C ASN A 15 12.91 36.09 12.95
N LEU A 16 11.98 36.70 12.22
CA LEU A 16 10.71 36.05 11.94
C LEU A 16 10.92 35.05 10.82
N CYS A 17 10.39 33.84 10.99
CA CYS A 17 10.63 32.80 10.01
C CYS A 17 10.09 33.24 8.64
N PRO A 18 10.83 32.91 7.50
CA PRO A 18 10.41 33.38 6.16
C PRO A 18 9.34 32.48 5.55
N PHE A 19 8.16 32.44 6.20
CA PHE A 19 7.06 31.66 5.68
C PHE A 19 6.49 32.27 4.40
N GLY A 20 6.47 33.60 4.31
CA GLY A 20 5.94 34.24 3.11
C GLY A 20 6.67 33.85 1.85
N GLU A 21 7.99 33.68 1.92
CA GLU A 21 8.75 33.21 0.76
C GLU A 21 8.22 31.88 0.26
N VAL A 22 7.78 31.01 1.18
CA VAL A 22 7.26 29.70 0.79
C VAL A 22 5.82 29.82 0.27
N PHE A 23 4.94 30.39 1.10
CA PHE A 23 3.51 30.39 0.78
C PHE A 23 3.17 31.35 -0.34
N ASN A 24 3.91 32.46 -0.47
CA ASN A 24 3.61 33.50 -1.44
C ASN A 24 4.59 33.48 -2.61
N ALA A 25 5.30 32.38 -2.81
CA ALA A 25 6.21 32.26 -3.93
C ALA A 25 5.46 32.36 -5.25
N THR A 26 6.06 33.07 -6.21
CA THR A 26 5.40 33.23 -7.51
C THR A 26 5.30 31.90 -8.25
N ARG A 27 6.36 31.10 -8.22
CA ARG A 27 6.40 29.82 -8.91
C ARG A 27 6.36 28.67 -7.91
N PHE A 28 5.63 27.62 -8.26
CA PHE A 28 5.52 26.42 -7.44
C PHE A 28 5.97 25.23 -8.26
N ALA A 29 6.58 24.26 -7.58
CA ALA A 29 7.11 23.09 -8.27
C ALA A 29 5.99 22.13 -8.68
N SER A 30 6.28 21.33 -9.70
CA SER A 30 5.49 20.13 -9.94
C SER A 30 5.65 19.18 -8.74
N VAL A 31 4.66 18.31 -8.57
CA VAL A 31 4.64 17.48 -7.35
C VAL A 31 5.72 16.41 -7.39
N TYR A 32 6.06 15.88 -8.58
CA TYR A 32 7.14 14.91 -8.66
C TYR A 32 8.47 15.53 -8.26
N ALA A 33 8.64 16.82 -8.51
CA ALA A 33 9.85 17.54 -8.13
C ALA A 33 9.56 18.54 -7.01
N TRP A 34 8.87 18.07 -5.97
CA TRP A 34 8.42 18.97 -4.91
C TRP A 34 9.59 19.72 -4.28
N ASN A 35 9.37 20.99 -3.97
CA ASN A 35 10.45 21.79 -3.40
C ASN A 35 10.47 21.67 -1.88
N ARG A 36 11.68 21.76 -1.32
CA ARG A 36 11.86 21.75 0.13
C ARG A 36 12.68 22.97 0.54
N LYS A 37 12.24 23.63 1.61
CA LYS A 37 12.94 24.77 2.18
C LYS A 37 13.18 24.51 3.66
N ARG A 38 14.43 24.69 4.09
CA ARG A 38 14.77 24.53 5.49
C ARG A 38 14.50 25.82 6.23
N ILE A 39 13.78 25.72 7.35
CA ILE A 39 13.48 26.85 8.22
C ILE A 39 14.16 26.59 9.55
N SER A 40 14.99 27.54 9.98
CA SER A 40 15.80 27.40 11.18
C SER A 40 16.16 28.78 11.70
N ASN A 41 16.52 28.83 12.98
CA ASN A 41 17.00 30.03 13.66
C ASN A 41 16.03 31.20 13.47
N CYS A 42 14.80 31.00 13.93
CA CYS A 42 13.81 32.06 13.78
C CYS A 42 12.62 31.82 14.71
N VAL A 43 11.75 32.82 14.74
CA VAL A 43 10.50 32.82 15.50
C VAL A 43 9.37 32.54 14.52
N ALA A 44 8.60 31.49 14.80
CA ALA A 44 7.52 31.05 13.94
C ALA A 44 6.20 31.37 14.62
N ASP A 45 5.44 32.29 14.04
CA ASP A 45 4.11 32.61 14.49
C ASP A 45 3.15 31.88 13.55
N TYR A 46 2.69 30.71 13.98
CA TYR A 46 1.84 29.89 13.13
C TYR A 46 0.43 30.43 13.01
N SER A 47 0.03 31.35 13.89
CA SER A 47 -1.31 31.94 13.80
C SER A 47 -1.49 32.72 12.51
N VAL A 48 -0.40 33.17 11.88
CA VAL A 48 -0.51 33.80 10.56
C VAL A 48 -1.10 32.82 9.56
N LEU A 49 -0.71 31.55 9.66
CA LEU A 49 -1.25 30.53 8.77
C LEU A 49 -2.62 30.03 9.21
N TYR A 50 -2.74 29.58 10.46
CA TYR A 50 -3.98 28.92 10.85
C TYR A 50 -5.14 29.87 11.08
N ASN A 51 -4.91 31.18 11.12
CA ASN A 51 -5.99 32.15 11.15
C ASN A 51 -6.28 32.79 9.79
N SER A 52 -5.72 32.26 8.71
CA SER A 52 -5.91 32.83 7.39
C SER A 52 -7.09 32.14 6.71
N ALA A 53 -7.99 32.95 6.15
CA ALA A 53 -9.09 32.42 5.34
C ALA A 53 -8.66 32.12 3.91
N SER A 54 -7.38 32.29 3.59
CA SER A 54 -6.88 31.99 2.25
C SER A 54 -6.82 30.49 2.00
N PHE A 55 -6.70 29.69 3.06
CA PHE A 55 -6.44 28.26 2.93
C PHE A 55 -7.71 27.48 3.22
N SER A 56 -8.06 26.55 2.32
CA SER A 56 -9.14 25.63 2.61
C SER A 56 -8.69 24.50 3.51
N THR A 57 -7.45 24.04 3.38
CA THR A 57 -6.95 22.96 4.22
C THR A 57 -5.87 23.46 5.17
N PHE A 58 -6.05 23.18 6.46
CA PHE A 58 -5.02 23.31 7.50
C PHE A 58 -5.26 22.16 8.45
N LYS A 59 -4.31 21.21 8.49
CA LYS A 59 -4.57 19.94 9.18
C LYS A 59 -3.28 19.42 9.77
N CYS A 60 -3.28 19.08 11.06
CA CYS A 60 -2.05 18.73 11.75
C CYS A 60 -2.10 17.30 12.25
N TYR A 61 -0.92 16.72 12.41
CA TYR A 61 -0.74 15.32 12.83
C TYR A 61 0.40 15.28 13.83
N GLY A 62 0.17 14.59 14.95
CA GLY A 62 1.17 14.48 16.00
C GLY A 62 1.47 15.77 16.72
N VAL A 63 0.72 16.84 16.45
CA VAL A 63 0.89 18.10 17.15
C VAL A 63 -0.45 18.83 17.14
N SER A 64 -0.70 19.57 18.19
CA SER A 64 -1.96 20.30 18.22
C SER A 64 -1.73 21.76 17.90
N PRO A 65 -2.60 22.37 17.09
CA PRO A 65 -2.49 23.83 16.86
C PRO A 65 -2.52 24.65 18.14
N THR A 66 -3.16 24.14 19.21
CA THR A 66 -3.17 24.85 20.48
C THR A 66 -1.76 25.05 21.03
N LYS A 67 -0.81 24.21 20.58
CA LYS A 67 0.54 24.21 21.11
C LYS A 67 1.57 24.78 20.14
N LEU A 68 1.19 25.01 18.87
CA LEU A 68 2.16 25.38 17.84
C LEU A 68 3.00 26.59 18.24
N ASN A 69 2.36 27.63 18.76
CA ASN A 69 3.09 28.82 19.17
C ASN A 69 3.82 28.65 20.50
N ASP A 70 3.75 27.47 21.11
CA ASP A 70 4.42 27.20 22.39
C ASP A 70 5.51 26.16 22.28
N LEU A 71 5.83 25.68 21.08
CA LEU A 71 6.79 24.61 20.93
C LEU A 71 8.06 25.12 20.24
N CYS A 72 9.15 24.39 20.48
CA CYS A 72 10.43 24.67 19.87
C CYS A 72 10.92 23.43 19.13
N PHE A 73 11.57 23.63 18.00
CA PHE A 73 12.06 22.52 17.19
C PHE A 73 13.47 22.83 16.69
N THR A 74 14.21 21.76 16.39
CA THR A 74 15.53 21.92 15.80
C THR A 74 15.42 22.61 14.45
N ASN A 75 14.63 22.04 13.54
CA ASN A 75 14.33 22.64 12.25
C ASN A 75 12.88 22.33 11.89
N VAL A 76 12.34 23.13 10.97
CA VAL A 76 11.08 22.79 10.33
C VAL A 76 11.31 22.82 8.83
N TYR A 77 10.74 21.84 8.12
CA TYR A 77 10.89 21.75 6.69
C TYR A 77 9.57 22.13 6.02
N ALA A 78 9.66 22.96 4.97
CA ALA A 78 8.49 23.42 4.23
C ALA A 78 8.58 22.88 2.81
N ASP A 79 7.74 21.90 2.48
CA ASP A 79 7.70 21.32 1.16
C ASP A 79 6.50 21.90 0.42
N SER A 80 6.68 22.33 -0.81
CA SER A 80 5.59 22.93 -1.55
C SER A 80 5.52 22.34 -2.95
N PHE A 81 4.30 22.35 -3.51
CA PHE A 81 4.03 21.78 -4.83
C PHE A 81 2.57 21.96 -5.23
N VAL A 82 2.22 21.54 -6.44
CA VAL A 82 0.88 21.68 -6.99
C VAL A 82 0.31 20.30 -7.30
N ILE A 83 -0.94 20.07 -6.94
CA ILE A 83 -1.65 18.82 -7.23
C ILE A 83 -3.11 19.14 -7.54
N ARG A 84 -3.87 18.11 -7.88
CA ARG A 84 -5.31 18.29 -7.99
C ARG A 84 -5.94 18.46 -6.62
N GLY A 85 -7.08 19.16 -6.59
CA GLY A 85 -7.81 19.30 -5.35
C GLY A 85 -8.21 17.98 -4.73
N ASP A 86 -8.77 17.08 -5.54
CA ASP A 86 -9.18 15.78 -5.03
C ASP A 86 -7.99 14.89 -4.67
N GLU A 87 -6.77 15.39 -4.83
CA GLU A 87 -5.57 14.69 -4.40
C GLU A 87 -5.02 15.22 -3.08
N VAL A 88 -5.59 16.31 -2.55
CA VAL A 88 -5.09 16.88 -1.30
C VAL A 88 -5.24 15.87 -0.16
N ARG A 89 -6.25 15.01 -0.22
CA ARG A 89 -6.40 13.97 0.80
C ARG A 89 -5.25 12.99 0.82
N GLN A 90 -4.53 12.84 -0.29
CA GLN A 90 -3.40 11.91 -0.30
C GLN A 90 -2.20 12.46 0.46
N ILE A 91 -2.19 13.76 0.73
CA ILE A 91 -1.08 14.37 1.47
C ILE A 91 -1.35 14.21 2.95
N ALA A 92 -1.22 12.99 3.45
CA ALA A 92 -1.50 12.66 4.84
C ALA A 92 -0.91 11.27 5.13
N PRO A 93 -0.64 10.95 6.39
CA PRO A 93 -0.12 9.63 6.71
C PRO A 93 -1.12 8.53 6.37
N GLY A 94 -0.59 7.38 5.97
CA GLY A 94 -1.40 6.19 5.74
C GLY A 94 -2.31 6.22 4.54
N GLN A 95 -2.00 7.04 3.53
CA GLN A 95 -2.78 7.11 2.30
C GLN A 95 -2.06 6.38 1.17
N THR A 96 -2.85 5.87 0.23
CA THR A 96 -2.32 5.37 -1.03
C THR A 96 -3.02 6.07 -2.19
N GLY A 97 -2.43 5.94 -3.37
CA GLY A 97 -2.92 6.65 -4.54
C GLY A 97 -1.75 7.12 -5.38
N LYS A 98 -2.03 7.71 -6.55
CA LYS A 98 -0.96 8.04 -7.48
C LYS A 98 0.06 8.99 -6.86
N ILE A 99 -0.41 10.00 -6.12
CA ILE A 99 0.48 10.99 -5.55
C ILE A 99 1.30 10.39 -4.41
N ALA A 100 0.62 9.75 -3.45
CA ALA A 100 1.32 9.17 -2.31
C ALA A 100 2.23 8.02 -2.71
N ASP A 101 1.84 7.25 -3.74
CA ASP A 101 2.67 6.13 -4.16
C ASP A 101 3.90 6.59 -4.95
N TYR A 102 3.72 7.53 -5.88
CA TYR A 102 4.76 7.80 -6.88
C TYR A 102 5.38 9.18 -6.80
N ASN A 103 4.87 10.09 -5.96
CA ASN A 103 5.32 11.48 -6.05
C ASN A 103 5.73 12.06 -4.70
N TYR A 104 4.86 11.97 -3.69
CA TYR A 104 5.14 12.55 -2.38
C TYR A 104 4.46 11.71 -1.31
N LYS A 105 5.24 11.07 -0.45
CA LYS A 105 4.72 10.13 0.54
C LYS A 105 5.05 10.61 1.95
N LEU A 106 3.99 10.67 2.84
CA LEU A 106 4.18 11.03 4.24
C LEU A 106 4.23 9.76 5.10
N PRO A 107 5.07 9.73 6.14
CA PRO A 107 5.17 8.53 6.96
C PRO A 107 4.01 8.42 7.95
N ASP A 108 3.82 7.20 8.45
CA ASP A 108 2.79 6.96 9.46
C ASP A 108 2.96 7.88 10.67
N ASP A 109 4.21 8.07 11.10
CA ASP A 109 4.51 8.85 12.29
C ASP A 109 4.72 10.33 12.00
N PHE A 110 4.12 10.84 10.92
CA PHE A 110 4.29 12.23 10.54
C PHE A 110 3.92 13.16 11.67
N THR A 111 4.79 14.14 11.91
CA THR A 111 4.57 15.20 12.89
C THR A 111 4.66 16.53 12.15
N GLY A 112 3.50 17.11 11.83
CA GLY A 112 3.51 18.37 11.11
C GLY A 112 2.11 18.75 10.67
N CYS A 113 2.05 19.75 9.81
CA CYS A 113 0.76 20.26 9.35
C CYS A 113 0.79 20.37 7.82
N VAL A 114 -0.39 20.22 7.22
CA VAL A 114 -0.58 20.29 5.78
C VAL A 114 -1.54 21.44 5.50
N ILE A 115 -1.15 22.30 4.56
CA ILE A 115 -1.89 23.51 4.22
C ILE A 115 -2.10 23.53 2.72
N ALA A 116 -3.32 23.82 2.27
CA ALA A 116 -3.60 23.78 0.84
C ALA A 116 -4.68 24.79 0.47
N TRP A 117 -4.58 25.30 -0.76
CA TRP A 117 -5.57 26.25 -1.26
C TRP A 117 -5.65 26.16 -2.78
N ASN A 118 -6.85 26.47 -3.29
CA ASN A 118 -7.10 26.41 -4.73
C ASN A 118 -6.35 27.53 -5.44
N SER A 119 -5.64 27.19 -6.52
CA SER A 119 -4.85 28.14 -7.28
C SER A 119 -5.27 28.17 -8.74
N ASN A 120 -6.56 27.96 -9.00
CA ASN A 120 -7.05 27.94 -10.38
C ASN A 120 -6.72 29.23 -11.11
N ASN A 121 -6.76 30.36 -10.40
CA ASN A 121 -6.50 31.66 -11.01
C ASN A 121 -5.07 31.82 -11.49
N LEU A 122 -4.14 31.02 -10.98
CA LEU A 122 -2.74 31.16 -11.32
C LEU A 122 -2.17 29.99 -12.09
N ASP A 123 -2.64 28.77 -11.84
CA ASP A 123 -1.98 27.57 -12.36
C ASP A 123 -2.79 26.89 -13.45
N SER A 124 -3.94 27.42 -13.83
CA SER A 124 -4.68 26.94 -14.99
C SER A 124 -4.43 27.85 -16.18
N LYS A 125 -4.61 27.30 -17.38
CA LYS A 125 -4.43 28.05 -18.61
C LYS A 125 -5.44 27.57 -19.65
N VAL A 126 -5.93 28.51 -20.46
CA VAL A 126 -6.84 28.14 -21.54
C VAL A 126 -6.10 27.26 -22.54
N GLY A 127 -6.75 26.17 -22.96
CA GLY A 127 -6.11 25.19 -23.81
C GLY A 127 -5.28 24.16 -23.08
N GLY A 128 -5.15 24.28 -21.76
CA GLY A 128 -4.41 23.31 -20.97
C GLY A 128 -3.02 23.79 -20.64
N ASN A 129 -2.64 23.69 -19.36
CA ASN A 129 -1.31 24.08 -18.90
C ASN A 129 -0.38 22.86 -18.97
N TYR A 130 0.68 22.98 -19.77
CA TYR A 130 1.66 21.90 -19.88
C TYR A 130 2.75 21.95 -18.81
N ASN A 131 2.67 22.88 -17.86
CA ASN A 131 3.80 23.13 -16.97
C ASN A 131 3.83 22.22 -15.75
N TYR A 132 2.69 21.86 -15.20
CA TYR A 132 2.63 21.00 -14.01
C TYR A 132 2.47 19.54 -14.41
N LEU A 133 3.31 18.68 -13.83
CA LEU A 133 3.30 17.25 -14.14
C LEU A 133 3.37 16.44 -12.85
N TYR A 134 3.03 15.16 -12.97
CA TYR A 134 3.20 14.19 -11.90
C TYR A 134 3.76 12.91 -12.51
N ARG A 135 4.35 12.07 -11.66
CA ARG A 135 4.91 10.81 -12.12
C ARG A 135 3.78 9.78 -12.27
N LEU A 136 3.57 9.29 -13.48
CA LEU A 136 2.50 8.35 -13.76
C LEU A 136 2.92 6.89 -13.64
N PHE A 137 4.18 6.58 -13.94
CA PHE A 137 4.68 5.21 -13.86
C PHE A 137 5.88 5.16 -12.93
N ARG A 138 5.98 4.06 -12.18
CA ARG A 138 7.16 3.79 -11.37
C ARG A 138 7.20 2.30 -11.03
N LYS A 139 8.42 1.77 -10.87
CA LYS A 139 8.54 0.35 -10.57
C LYS A 139 8.06 0.02 -9.15
N SER A 140 8.09 0.98 -8.24
CA SER A 140 7.70 0.71 -6.86
C SER A 140 7.36 2.02 -6.17
N ASN A 141 6.70 1.90 -5.02
CA ASN A 141 6.25 3.06 -4.27
C ASN A 141 7.41 3.77 -3.60
N LEU A 142 7.29 5.09 -3.50
CA LEU A 142 8.25 5.88 -2.75
C LEU A 142 8.23 5.53 -1.27
N LYS A 143 9.39 5.52 -0.66
CA LYS A 143 9.48 5.55 0.79
C LYS A 143 9.12 6.96 1.28
N PRO A 144 8.78 7.10 2.56
CA PRO A 144 8.36 8.42 3.05
C PRO A 144 9.46 9.46 2.85
N PHE A 145 9.07 10.62 2.33
CA PHE A 145 9.92 11.78 2.05
C PHE A 145 10.92 11.53 0.93
N GLU A 146 10.80 10.43 0.18
CA GLU A 146 11.66 10.21 -0.97
C GLU A 146 11.26 11.13 -2.13
N ARG A 147 12.24 11.47 -2.96
CA ARG A 147 12.06 12.37 -4.10
C ARG A 147 12.67 11.72 -5.34
N ASP A 148 11.90 11.68 -6.42
CA ASP A 148 12.33 11.07 -7.68
C ASP A 148 12.10 12.07 -8.81
N ILE A 149 13.18 12.55 -9.43
CA ILE A 149 13.07 13.49 -10.54
C ILE A 149 13.70 12.92 -11.82
N SER A 150 13.88 11.61 -11.89
CA SER A 150 14.41 11.00 -13.10
C SER A 150 13.33 10.91 -14.17
N THR A 151 13.76 10.76 -15.42
CA THR A 151 12.85 10.61 -16.55
C THR A 151 13.24 9.41 -17.42
N GLU A 152 13.61 8.30 -16.79
CA GLU A 152 13.93 7.09 -17.54
C GLU A 152 12.69 6.52 -18.20
N ILE A 153 12.85 6.04 -19.44
CA ILE A 153 11.74 5.42 -20.17
C ILE A 153 11.24 4.21 -19.39
N TYR A 154 9.92 4.12 -19.22
CA TYR A 154 9.30 3.09 -18.40
C TYR A 154 8.95 1.86 -19.23
N GLN A 155 9.38 0.70 -18.75
CA GLN A 155 9.10 -0.58 -19.40
C GLN A 155 7.74 -1.08 -18.94
N ALA A 156 6.74 -1.00 -19.81
CA ALA A 156 5.41 -1.49 -19.48
C ALA A 156 5.19 -2.94 -19.88
N GLY A 157 5.91 -3.43 -20.90
CA GLY A 157 5.81 -4.80 -21.32
C GLY A 157 6.95 -5.64 -20.77
N SER A 158 6.99 -6.91 -21.21
CA SER A 158 8.05 -7.81 -20.78
C SER A 158 9.37 -7.51 -21.48
N THR A 159 9.34 -6.81 -22.61
CA THR A 159 10.52 -6.57 -23.42
C THR A 159 11.19 -5.26 -23.01
N PRO A 160 12.50 -5.24 -22.81
CA PRO A 160 13.16 -4.03 -22.34
C PRO A 160 13.14 -2.91 -23.37
N CYS A 161 13.24 -1.68 -22.88
CA CYS A 161 13.18 -0.49 -23.70
C CYS A 161 14.54 0.04 -24.12
N ASN A 162 15.58 -0.25 -23.34
CA ASN A 162 16.94 0.21 -23.63
C ASN A 162 16.99 1.72 -23.85
N GLY A 163 16.25 2.45 -23.01
CA GLY A 163 16.27 3.90 -23.03
C GLY A 163 15.57 4.54 -24.20
N VAL A 164 14.76 3.79 -24.95
CA VAL A 164 14.15 4.27 -26.17
C VAL A 164 12.64 4.29 -25.99
N GLU A 165 12.05 5.49 -26.05
CA GLU A 165 10.61 5.65 -26.00
C GLU A 165 9.96 5.02 -27.22
N GLY A 166 8.83 4.35 -27.02
CA GLY A 166 8.16 3.72 -28.14
C GLY A 166 7.08 2.74 -27.70
N PHE A 167 6.94 1.68 -28.48
CA PHE A 167 5.95 0.63 -28.24
C PHE A 167 6.20 -0.01 -26.88
N ASN A 168 5.21 0.10 -25.99
CA ASN A 168 5.27 -0.43 -24.62
C ASN A 168 6.37 0.23 -23.78
N CYS A 169 6.84 1.41 -24.19
CA CYS A 169 7.98 2.06 -23.56
C CYS A 169 7.68 3.54 -23.43
N TYR A 170 7.25 3.96 -22.24
CA TYR A 170 6.59 5.24 -22.06
C TYR A 170 7.44 6.21 -21.25
N PHE A 171 7.29 7.49 -21.57
CA PHE A 171 7.84 8.54 -20.74
C PHE A 171 7.14 8.52 -19.37
N PRO A 172 7.88 8.67 -18.27
CA PRO A 172 7.29 8.42 -16.95
C PRO A 172 6.48 9.58 -16.38
N LEU A 173 6.50 10.76 -16.99
CA LEU A 173 5.80 11.92 -16.46
C LEU A 173 4.54 12.20 -17.28
N GLN A 174 3.48 12.63 -16.59
CA GLN A 174 2.21 12.96 -17.20
C GLN A 174 1.84 14.40 -16.86
N SER A 175 1.35 15.12 -17.86
CA SER A 175 0.94 16.51 -17.68
C SER A 175 -0.49 16.56 -17.11
N TYR A 176 -0.69 17.42 -16.11
CA TYR A 176 -2.04 17.65 -15.60
C TYR A 176 -2.91 18.34 -16.64
N GLY A 177 -2.34 19.23 -17.44
CA GLY A 177 -3.13 19.98 -18.40
C GLY A 177 -4.25 20.79 -17.80
N PHE A 178 -3.98 21.45 -16.66
CA PHE A 178 -5.02 22.22 -15.98
C PHE A 178 -5.70 23.20 -16.91
N GLN A 179 -7.03 23.15 -16.94
CA GLN A 179 -7.86 24.09 -17.65
C GLN A 179 -8.79 24.80 -16.67
N PRO A 180 -9.00 26.10 -16.84
CA PRO A 180 -9.81 26.84 -15.85
C PRO A 180 -11.25 26.39 -15.76
N THR A 181 -11.78 25.72 -16.78
CA THR A 181 -13.18 25.35 -16.80
C THR A 181 -13.46 23.98 -16.17
N ASN A 182 -12.43 23.21 -15.83
CA ASN A 182 -12.66 21.92 -15.19
C ASN A 182 -13.31 22.11 -13.82
N GLY A 183 -13.91 21.03 -13.31
CA GLY A 183 -14.52 21.08 -12.00
C GLY A 183 -13.50 21.32 -10.90
N VAL A 184 -14.01 21.72 -9.74
CA VAL A 184 -13.14 22.21 -8.66
C VAL A 184 -12.20 21.12 -8.18
N GLY A 185 -12.66 19.86 -8.15
CA GLY A 185 -11.79 18.77 -7.75
C GLY A 185 -10.65 18.54 -8.70
N TYR A 186 -10.81 18.93 -9.97
CA TYR A 186 -9.80 18.78 -10.99
C TYR A 186 -8.94 20.03 -11.15
N GLN A 187 -9.19 21.07 -10.36
CA GLN A 187 -8.45 22.32 -10.46
C GLN A 187 -7.14 22.23 -9.68
N PRO A 188 -6.16 23.06 -10.04
CA PRO A 188 -4.87 23.00 -9.32
C PRO A 188 -4.98 23.59 -7.93
N TYR A 189 -4.28 22.96 -7.00
CA TYR A 189 -4.16 23.39 -5.63
C TYR A 189 -2.69 23.46 -5.24
N ARG A 190 -2.34 24.51 -4.53
CA ARG A 190 -0.99 24.68 -4.00
C ARG A 190 -0.97 24.15 -2.58
N VAL A 191 0.07 23.38 -2.28
CA VAL A 191 0.20 22.66 -1.02
C VAL A 191 1.56 22.97 -0.40
N VAL A 192 1.54 23.21 0.91
CA VAL A 192 2.73 23.36 1.73
C VAL A 192 2.60 22.41 2.91
N VAL A 193 3.61 21.58 3.11
CA VAL A 193 3.67 20.61 4.19
C VAL A 193 4.81 21.04 5.11
N LEU A 194 4.47 21.31 6.37
CA LEU A 194 5.43 21.68 7.39
C LEU A 194 5.73 20.47 8.25
N SER A 195 7.00 20.09 8.29
CA SER A 195 7.50 19.02 9.15
C SER A 195 8.27 19.63 10.31
N PHE A 196 8.04 19.10 11.50
CA PHE A 196 8.70 19.58 12.71
C PHE A 196 9.69 18.51 13.16
N GLU A 197 10.95 18.87 13.23
CA GLU A 197 12.01 17.92 13.53
C GLU A 197 12.54 18.17 14.93
N LEU A 198 12.66 17.09 15.70
CA LEU A 198 13.29 17.12 17.01
C LEU A 198 14.55 16.26 16.96
N LEU A 199 15.68 16.87 17.26
CA LEU A 199 16.97 16.20 17.32
C LEU A 199 17.47 16.29 18.76
N HIS A 200 18.62 15.69 19.02
CA HIS A 200 19.31 15.88 20.29
C HIS A 200 20.35 16.99 20.18
N ALA A 201 19.94 18.08 19.53
CA ALA A 201 20.68 19.31 19.27
C ALA A 201 19.86 20.46 19.85
N PRO A 202 20.37 21.69 19.89
CA PRO A 202 19.56 22.78 20.44
C PRO A 202 18.45 23.20 19.48
N ALA A 203 17.29 23.51 20.05
CA ALA A 203 16.16 24.00 19.28
C ALA A 203 16.44 25.41 18.75
N THR A 204 16.07 25.65 17.50
CA THR A 204 16.37 26.90 16.82
C THR A 204 15.14 27.60 16.24
N VAL A 205 14.03 26.91 16.07
CA VAL A 205 12.78 27.52 15.62
C VAL A 205 11.81 27.47 16.78
N CYS A 206 11.39 28.64 17.28
CA CYS A 206 10.49 28.66 18.42
C CYS A 206 9.30 29.57 18.14
N GLY A 207 8.20 29.28 18.83
CA GLY A 207 7.03 30.12 18.77
C GLY A 207 7.25 31.43 19.51
N PRO A 208 6.35 32.40 19.30
CA PRO A 208 6.48 33.68 19.99
C PRO A 208 6.49 33.56 21.52
N LYS A 209 5.95 32.46 22.05
CA LYS A 209 5.73 32.27 23.49
C LYS A 209 4.70 33.25 24.02
N GLU B 1 -8.16 38.76 31.29
CA GLU B 1 -7.50 37.78 30.41
C GLU B 1 -8.55 37.10 29.52
N VAL B 2 -8.16 36.76 28.29
CA VAL B 2 -9.11 36.22 27.31
C VAL B 2 -9.25 34.72 27.50
N GLN B 3 -10.49 34.23 27.42
CA GLN B 3 -10.78 32.80 27.49
C GLN B 3 -11.97 32.50 26.58
N VAL B 4 -12.01 31.27 26.04
CA VAL B 4 -13.10 30.82 25.20
C VAL B 4 -13.61 29.47 25.69
N VAL B 5 -14.93 29.32 25.75
CA VAL B 5 -15.58 28.08 26.15
C VAL B 5 -16.52 27.65 25.02
N GLU B 6 -16.47 26.35 24.68
CA GLU B 6 -17.35 25.78 23.66
C GLU B 6 -18.60 25.20 24.32
N SER B 7 -19.71 25.22 23.59
CA SER B 7 -20.93 24.62 24.07
C SER B 7 -21.83 24.30 22.88
N GLY B 8 -22.91 23.58 23.15
CA GLY B 8 -23.85 23.20 22.12
C GLY B 8 -23.60 21.85 21.49
N GLY B 9 -22.68 21.06 22.05
CA GLY B 9 -22.34 19.75 21.51
C GLY B 9 -23.09 18.64 22.21
N GLY B 10 -22.98 17.44 21.65
CA GLY B 10 -23.66 16.30 22.25
C GLY B 10 -23.92 15.20 21.24
N LEU B 11 -24.87 14.35 21.61
CA LEU B 11 -25.29 13.20 20.82
C LEU B 11 -26.36 13.58 19.80
N VAL B 12 -26.21 13.09 18.57
CA VAL B 12 -27.15 13.39 17.51
C VAL B 12 -27.21 12.19 16.58
N GLN B 13 -28.40 11.92 16.04
CA GLN B 13 -28.54 10.84 15.09
C GLN B 13 -28.06 11.28 13.71
N PRO B 14 -27.62 10.34 12.88
CA PRO B 14 -27.17 10.70 11.52
C PRO B 14 -28.20 11.55 10.79
N GLY B 15 -27.69 12.52 10.03
CA GLY B 15 -28.55 13.49 9.38
C GLY B 15 -29.01 14.63 10.25
N GLY B 16 -28.80 14.56 11.56
CA GLY B 16 -29.22 15.62 12.45
C GLY B 16 -28.34 16.84 12.32
N SER B 17 -28.55 17.78 13.24
CA SER B 17 -27.89 19.07 13.17
C SER B 17 -27.44 19.50 14.56
N LEU B 18 -26.42 20.34 14.59
CA LEU B 18 -25.97 20.95 15.83
C LEU B 18 -25.51 22.37 15.55
N ARG B 19 -25.56 23.21 16.58
CA ARG B 19 -25.06 24.58 16.51
C ARG B 19 -24.11 24.79 17.69
N LEU B 20 -22.82 24.85 17.39
CA LEU B 20 -21.82 25.03 18.43
C LEU B 20 -21.58 26.51 18.65
N SER B 21 -21.22 26.84 19.89
CA SER B 21 -20.97 28.22 20.31
C SER B 21 -19.58 28.29 20.91
N CYS B 22 -18.85 29.32 20.49
CA CYS B 22 -17.53 29.67 21.02
C CYS B 22 -17.70 31.00 21.72
N ALA B 23 -17.79 30.98 23.04
CA ALA B 23 -18.06 32.17 23.82
C ALA B 23 -16.76 32.69 24.41
N ALA B 24 -16.50 33.99 24.21
CA ALA B 24 -15.28 34.63 24.68
C ALA B 24 -15.57 35.48 25.89
N SER B 25 -14.62 35.51 26.81
CA SER B 25 -14.64 36.37 27.99
C SER B 25 -13.28 37.01 28.13
N GLY B 26 -13.24 38.17 28.78
CA GLY B 26 -12.01 38.92 28.94
C GLY B 26 -11.61 39.74 27.75
N THR B 27 -12.35 39.65 26.65
CA THR B 27 -12.20 40.61 25.58
C THR B 27 -12.99 41.85 25.99
N GLY B 28 -12.43 43.02 25.72
CA GLY B 28 -13.15 44.19 26.13
C GLY B 28 -14.09 44.56 24.99
N SER B 29 -13.74 45.64 24.31
CA SER B 29 -14.35 46.04 23.06
C SER B 29 -13.60 45.48 21.86
N THR B 30 -12.73 44.49 22.10
CA THR B 30 -11.70 44.07 21.16
C THR B 30 -11.95 42.74 20.46
N PHE B 31 -13.04 42.03 20.81
CA PHE B 31 -13.31 40.72 20.22
C PHE B 31 -13.23 40.76 18.69
N SER B 32 -13.75 41.83 18.08
CA SER B 32 -13.88 41.90 16.63
C SER B 32 -12.54 41.88 15.90
N THR B 33 -11.43 42.16 16.58
CA THR B 33 -10.15 42.28 15.90
C THR B 33 -9.45 40.94 15.65
N TYR B 34 -9.92 39.85 16.23
CA TYR B 34 -9.27 38.56 16.09
C TYR B 34 -9.97 37.69 15.07
N ALA B 35 -9.20 36.80 14.44
CA ALA B 35 -9.78 35.68 13.71
C ALA B 35 -10.27 34.62 14.68
N MET B 36 -11.18 33.78 14.21
CA MET B 36 -11.74 32.71 15.02
C MET B 36 -11.88 31.46 14.17
N GLY B 37 -11.52 30.32 14.74
CA GLY B 37 -11.52 29.07 14.00
C GLY B 37 -12.12 27.92 14.78
N TRP B 38 -12.64 26.94 14.04
CA TRP B 38 -13.18 25.71 14.59
C TRP B 38 -12.39 24.53 14.07
N TYR B 39 -12.02 23.63 14.99
CA TYR B 39 -11.18 22.47 14.76
C TYR B 39 -11.86 21.26 15.37
N ARG B 40 -11.52 20.09 14.84
CA ARG B 40 -12.00 18.81 15.37
C ARG B 40 -10.86 17.82 15.50
N GLN B 41 -10.87 17.04 16.58
CA GLN B 41 -9.79 16.10 16.86
C GLN B 41 -10.19 14.67 16.53
N ALA B 42 -9.29 13.96 15.87
CA ALA B 42 -9.40 12.55 15.52
C ALA B 42 -8.31 11.75 16.24
N PRO B 43 -8.49 10.45 16.44
CA PRO B 43 -7.48 9.67 17.15
C PRO B 43 -6.14 9.66 16.42
N GLY B 44 -5.07 9.65 17.21
CA GLY B 44 -3.73 9.74 16.67
C GLY B 44 -3.13 11.13 16.69
N ASN B 45 -3.69 12.04 17.48
CA ASN B 45 -3.28 13.44 17.52
C ASN B 45 -3.39 14.07 16.13
N GLN B 46 -4.50 13.79 15.46
CA GLN B 46 -4.83 14.44 14.19
C GLN B 46 -5.83 15.56 14.46
N HIS B 47 -5.51 16.75 13.98
CA HIS B 47 -6.33 17.94 14.22
C HIS B 47 -6.63 18.60 12.88
N GLU B 48 -7.92 18.79 12.58
CA GLU B 48 -8.36 19.33 11.30
C GLU B 48 -9.09 20.64 11.54
N ARG B 49 -8.60 21.72 10.92
CA ARG B 49 -9.34 22.97 10.95
C ARG B 49 -10.57 22.83 10.07
N VAL B 50 -11.75 22.98 10.68
CA VAL B 50 -12.99 22.74 9.96
C VAL B 50 -13.67 24.04 9.55
N ALA B 51 -13.31 25.17 10.16
CA ALA B 51 -13.85 26.45 9.70
C ALA B 51 -12.95 27.58 10.18
N ILE B 52 -12.88 28.65 9.39
CA ILE B 52 -12.11 29.83 9.75
C ILE B 52 -12.90 31.06 9.34
N ILE B 53 -12.91 32.08 10.20
CA ILE B 53 -13.46 33.39 9.85
C ILE B 53 -12.52 34.46 10.36
N ASP B 54 -12.16 35.40 9.48
CA ASP B 54 -11.21 36.45 9.83
C ASP B 54 -11.95 37.70 10.31
N SER B 55 -11.16 38.76 10.57
CA SER B 55 -11.71 39.94 11.22
C SER B 55 -12.70 40.72 10.36
N VAL B 56 -12.70 40.50 9.04
CA VAL B 56 -13.67 41.14 8.16
C VAL B 56 -14.72 40.16 7.64
N GLY B 57 -14.76 38.95 8.17
CA GLY B 57 -15.80 38.00 7.81
C GLY B 57 -15.48 37.06 6.66
N ASN B 58 -14.26 37.09 6.11
CA ASN B 58 -13.90 36.11 5.11
C ASN B 58 -13.89 34.72 5.74
N THR B 59 -14.43 33.73 5.02
CA THR B 59 -14.52 32.38 5.53
C THR B 59 -13.88 31.40 4.56
N ASN B 60 -13.60 30.20 5.08
CA ASN B 60 -13.13 29.09 4.26
C ASN B 60 -13.37 27.80 5.04
N TYR B 61 -13.38 26.69 4.30
CA TYR B 61 -13.68 25.37 4.86
C TYR B 61 -12.94 24.34 4.04
N PRO B 62 -12.62 23.18 4.61
CA PRO B 62 -12.13 22.07 3.79
C PRO B 62 -13.27 21.38 3.07
N ASP B 63 -12.91 20.58 2.06
CA ASP B 63 -13.91 19.94 1.22
C ASP B 63 -14.81 18.98 1.99
N SER B 64 -14.27 18.32 3.02
CA SER B 64 -15.04 17.32 3.75
C SER B 64 -16.34 17.88 4.32
N VAL B 65 -16.36 19.17 4.66
CA VAL B 65 -17.51 19.78 5.33
C VAL B 65 -18.15 20.90 4.52
N LYS B 66 -17.58 21.26 3.37
CA LYS B 66 -18.16 22.33 2.57
C LYS B 66 -19.60 22.01 2.20
N GLY B 67 -20.47 23.02 2.35
CA GLY B 67 -21.90 22.87 2.15
C GLY B 67 -22.67 22.44 3.37
N ARG B 68 -22.01 21.76 4.32
CA ARG B 68 -22.67 21.29 5.53
C ARG B 68 -22.37 22.12 6.76
N PHE B 69 -21.19 22.74 6.83
CA PHE B 69 -20.79 23.54 7.99
C PHE B 69 -20.75 25.02 7.61
N THR B 70 -21.17 25.88 8.53
CA THR B 70 -21.13 27.32 8.30
C THR B 70 -20.66 28.00 9.57
N ILE B 71 -19.63 28.81 9.48
CA ILE B 71 -19.11 29.54 10.63
C ILE B 71 -19.65 30.96 10.58
N SER B 72 -19.98 31.51 11.75
CA SER B 72 -20.45 32.88 11.81
C SER B 72 -19.95 33.50 13.10
N ARG B 73 -20.06 34.82 13.17
CA ARG B 73 -19.52 35.59 14.28
C ARG B 73 -20.46 36.71 14.69
N ASP B 74 -20.51 36.97 16.00
CA ASP B 74 -21.32 38.02 16.62
C ASP B 74 -20.39 38.87 17.48
N ASN B 75 -19.99 40.03 16.95
CA ASN B 75 -19.06 40.93 17.60
C ASN B 75 -19.67 41.74 18.73
N ALA B 76 -20.99 41.81 18.83
CA ALA B 76 -21.60 42.44 20.00
C ALA B 76 -21.64 41.49 21.19
N LYS B 77 -21.97 40.23 20.94
CA LYS B 77 -22.04 39.21 21.97
C LYS B 77 -20.70 38.54 22.25
N ASN B 78 -19.66 38.87 21.48
CA ASN B 78 -18.34 38.27 21.63
C ASN B 78 -18.41 36.75 21.48
N THR B 79 -19.23 36.29 20.54
CA THR B 79 -19.48 34.85 20.43
C THR B 79 -19.43 34.44 18.97
N GLY B 80 -18.98 33.21 18.71
CA GLY B 80 -18.99 32.64 17.38
C GLY B 80 -19.79 31.34 17.34
N TYR B 81 -20.09 30.89 16.14
CA TYR B 81 -20.94 29.72 15.98
C TYR B 81 -20.47 28.86 14.82
N LEU B 82 -20.68 27.55 14.97
CA LEU B 82 -20.54 26.59 13.88
C LEU B 82 -21.87 25.87 13.69
N GLN B 83 -22.52 26.11 12.56
CA GLN B 83 -23.75 25.42 12.19
C GLN B 83 -23.38 24.17 11.40
N MET B 84 -23.73 23.00 11.96
CA MET B 84 -23.39 21.70 11.37
C MET B 84 -24.66 20.99 10.96
N ASN B 85 -24.86 20.86 9.64
CA ASN B 85 -25.99 20.20 9.03
C ASN B 85 -25.55 18.86 8.43
N SER B 86 -26.52 17.96 8.29
CA SER B 86 -26.31 16.68 7.61
C SER B 86 -25.13 15.91 8.21
N LEU B 87 -25.14 15.77 9.54
CA LEU B 87 -24.02 15.15 10.22
C LEU B 87 -23.88 13.68 9.84
N LYS B 88 -22.64 13.21 9.85
CA LYS B 88 -22.31 11.83 9.50
C LYS B 88 -21.50 11.21 10.63
N SER B 89 -21.47 9.87 10.64
CA SER B 89 -20.74 9.16 11.70
C SER B 89 -19.28 9.61 11.76
N GLU B 90 -18.71 9.93 10.60
CA GLU B 90 -17.33 10.42 10.53
C GLU B 90 -17.16 11.80 11.13
N ASP B 91 -18.25 12.52 11.40
CA ASP B 91 -18.17 13.83 12.02
C ASP B 91 -18.00 13.74 13.53
N THR B 92 -17.98 12.54 14.10
CA THR B 92 -17.77 12.36 15.53
C THR B 92 -16.36 12.81 15.92
N ALA B 93 -16.28 13.66 16.94
CA ALA B 93 -14.99 14.22 17.36
C ALA B 93 -15.21 15.18 18.53
N VAL B 94 -14.10 15.56 19.15
CA VAL B 94 -14.07 16.73 20.01
C VAL B 94 -13.90 17.97 19.14
N TYR B 95 -14.79 18.93 19.29
CA TYR B 95 -14.71 20.19 18.55
C TYR B 95 -14.27 21.29 19.49
N TYR B 96 -13.25 22.05 19.08
CA TYR B 96 -12.74 23.17 19.87
C TYR B 96 -12.52 24.36 18.97
N CYS B 97 -12.50 25.54 19.57
CA CYS B 97 -12.41 26.80 18.83
C CYS B 97 -11.22 27.60 19.32
N ASN B 98 -10.85 28.61 18.53
CA ASN B 98 -9.81 29.55 18.91
C ASN B 98 -10.23 30.95 18.52
N LEU B 99 -9.70 31.92 19.28
CA LEU B 99 -9.87 33.34 19.01
C LEU B 99 -8.50 33.97 19.11
N GLY B 100 -8.00 34.49 18.00
CA GLY B 100 -6.61 34.92 17.97
C GLY B 100 -5.69 33.77 18.32
N THR B 101 -5.07 33.86 19.51
CA THR B 101 -4.10 32.87 19.96
C THR B 101 -4.59 32.10 21.19
N ILE B 102 -5.85 32.26 21.57
CA ILE B 102 -6.43 31.64 22.75
C ILE B 102 -7.31 30.47 22.32
N TRP B 103 -7.17 29.34 23.02
CA TRP B 103 -7.84 28.09 22.64
C TRP B 103 -8.77 27.62 23.75
N GLY B 104 -9.82 26.89 23.35
CA GLY B 104 -10.74 26.29 24.29
C GLY B 104 -10.48 24.80 24.47
N GLN B 105 -10.99 24.26 25.58
CA GLN B 105 -10.78 22.85 25.86
C GLN B 105 -11.60 21.95 24.95
N GLY B 106 -12.69 22.45 24.39
CA GLY B 106 -13.48 21.69 23.45
C GLY B 106 -14.69 21.03 24.10
N THR B 107 -15.57 20.50 23.25
CA THR B 107 -16.73 19.76 23.71
C THR B 107 -16.97 18.61 22.73
N GLN B 108 -17.59 17.54 23.22
CA GLN B 108 -17.74 16.33 22.43
C GLN B 108 -18.97 16.39 21.53
N VAL B 109 -18.79 15.94 20.30
CA VAL B 109 -19.87 15.77 19.33
C VAL B 109 -19.85 14.31 18.89
N THR B 110 -21.00 13.65 19.00
CA THR B 110 -21.12 12.23 18.74
C THR B 110 -22.31 11.98 17.82
N VAL B 111 -22.05 11.43 16.64
CA VAL B 111 -23.06 11.14 15.63
C VAL B 111 -23.19 9.63 15.56
N SER B 112 -24.26 9.09 16.15
CA SER B 112 -24.47 7.65 16.19
C SER B 112 -25.95 7.33 16.31
N SER B 113 -26.27 6.08 15.99
CA SER B 113 -27.63 5.58 16.11
C SER B 113 -27.95 5.22 17.56
N ASN C 15 -13.36 -40.31 -6.26
CA ASN C 15 -13.73 -38.90 -6.11
C ASN C 15 -12.53 -38.05 -5.65
N LEU C 16 -11.47 -38.13 -6.45
CA LEU C 16 -10.29 -37.30 -6.28
C LEU C 16 -10.55 -35.90 -6.85
N CYS C 17 -10.12 -34.88 -6.11
CA CYS C 17 -10.35 -33.51 -6.54
C CYS C 17 -9.72 -33.25 -7.90
N PRO C 18 -10.35 -32.48 -8.75
CA PRO C 18 -9.82 -32.24 -10.12
C PRO C 18 -8.74 -31.17 -10.16
N PHE C 19 -7.60 -31.47 -9.53
CA PHE C 19 -6.47 -30.53 -9.55
C PHE C 19 -5.81 -30.48 -10.92
N GLY C 20 -5.73 -31.60 -11.62
CA GLY C 20 -5.15 -31.61 -12.96
C GLY C 20 -5.90 -30.69 -13.90
N GLU C 21 -7.22 -30.61 -13.72
CA GLU C 21 -8.05 -29.69 -14.51
C GLU C 21 -7.56 -28.26 -14.40
N VAL C 22 -7.15 -27.84 -13.20
CA VAL C 22 -6.67 -26.47 -13.00
C VAL C 22 -5.21 -26.35 -13.44
N PHE C 23 -4.34 -27.21 -12.92
CA PHE C 23 -2.91 -27.04 -13.12
C PHE C 23 -2.48 -27.39 -14.55
N ASN C 24 -3.16 -28.33 -15.19
CA ASN C 24 -2.76 -28.79 -16.51
C ASN C 24 -3.66 -28.25 -17.61
N ALA C 25 -4.43 -27.20 -17.34
CA ALA C 25 -5.25 -26.60 -18.37
C ALA C 25 -4.37 -25.99 -19.45
N THR C 26 -4.76 -26.21 -20.72
CA THR C 26 -4.00 -25.66 -21.83
C THR C 26 -4.06 -24.14 -21.86
N ARG C 27 -5.20 -23.57 -21.49
CA ARG C 27 -5.40 -22.12 -21.49
C ARG C 27 -5.40 -21.59 -20.07
N PHE C 28 -4.73 -20.45 -19.87
CA PHE C 28 -4.68 -19.74 -18.61
C PHE C 28 -5.15 -18.31 -18.83
N ALA C 29 -5.82 -17.76 -17.83
CA ALA C 29 -6.40 -16.42 -17.94
C ALA C 29 -5.33 -15.34 -17.80
N SER C 30 -5.62 -14.16 -18.36
CA SER C 30 -4.90 -12.96 -17.99
C SER C 30 -5.14 -12.65 -16.52
N VAL C 31 -4.18 -11.96 -15.90
CA VAL C 31 -4.21 -11.77 -14.45
C VAL C 31 -5.27 -10.76 -14.05
N TYR C 32 -5.56 -9.75 -14.88
CA TYR C 32 -6.63 -8.81 -14.53
C TYR C 32 -7.97 -9.53 -14.49
N ALA C 33 -8.13 -10.58 -15.28
CA ALA C 33 -9.32 -11.42 -15.27
C ALA C 33 -9.00 -12.79 -14.70
N TRP C 34 -8.35 -12.82 -13.53
CA TRP C 34 -7.87 -14.08 -12.97
C TRP C 34 -9.00 -15.08 -12.81
N ASN C 35 -8.70 -16.34 -13.08
CA ASN C 35 -9.71 -17.39 -13.05
C ASN C 35 -9.87 -17.96 -11.64
N ARG C 36 -11.11 -18.32 -11.30
CA ARG C 36 -11.39 -18.98 -10.04
C ARG C 36 -12.19 -20.25 -10.30
N LYS C 37 -11.80 -21.32 -9.62
CA LYS C 37 -12.47 -22.61 -9.72
C LYS C 37 -12.80 -23.09 -8.31
N ARG C 38 -14.09 -23.27 -8.03
CA ARG C 38 -14.49 -23.86 -6.77
C ARG C 38 -14.17 -25.35 -6.78
N ILE C 39 -13.71 -25.86 -5.65
CA ILE C 39 -13.38 -27.26 -5.46
C ILE C 39 -14.09 -27.74 -4.20
N SER C 40 -14.89 -28.79 -4.35
CA SER C 40 -15.76 -29.28 -3.28
C SER C 40 -16.07 -30.76 -3.49
N ASN C 41 -16.46 -31.41 -2.39
CA ASN C 41 -16.92 -32.81 -2.34
C ASN C 41 -15.97 -33.74 -3.07
N CYS C 42 -14.73 -33.78 -2.59
CA CYS C 42 -13.72 -34.63 -3.19
C CYS C 42 -12.58 -34.83 -2.20
N VAL C 43 -11.68 -35.74 -2.55
CA VAL C 43 -10.50 -36.05 -1.76
C VAL C 43 -9.31 -35.38 -2.41
N ALA C 44 -8.59 -34.56 -1.65
CA ALA C 44 -7.47 -33.78 -2.18
C ALA C 44 -6.18 -34.35 -1.60
N ASP C 45 -5.35 -34.92 -2.48
CA ASP C 45 -4.02 -35.38 -2.11
C ASP C 45 -3.05 -34.30 -2.56
N TYR C 46 -2.64 -33.45 -1.62
CA TYR C 46 -1.79 -32.32 -1.94
C TYR C 46 -0.33 -32.72 -2.18
N SER C 47 0.07 -33.93 -1.79
CA SER C 47 1.44 -34.36 -2.06
C SER C 47 1.72 -34.47 -3.56
N VAL C 48 0.68 -34.61 -4.38
CA VAL C 48 0.86 -34.55 -5.83
C VAL C 48 1.42 -33.19 -6.22
N LEU C 49 0.97 -32.13 -5.55
CA LEU C 49 1.51 -30.80 -5.83
C LEU C 49 2.83 -30.56 -5.11
N TYR C 50 2.88 -30.76 -3.78
CA TYR C 50 4.06 -30.32 -3.06
C TYR C 50 5.26 -31.24 -3.20
N ASN C 51 5.11 -32.43 -3.81
CA ASN C 51 6.25 -33.26 -4.17
C ASN C 51 6.63 -33.18 -5.64
N SER C 52 6.08 -32.22 -6.39
CA SER C 52 6.34 -32.12 -7.81
C SER C 52 7.51 -31.18 -8.09
N ALA C 53 8.44 -31.63 -8.93
CA ALA C 53 9.54 -30.79 -9.39
C ALA C 53 9.15 -29.87 -10.53
N SER C 54 7.87 -29.90 -10.95
CA SER C 54 7.40 -29.03 -12.01
C SER C 54 7.31 -27.56 -11.56
N PHE C 55 7.18 -27.32 -10.26
CA PHE C 55 6.92 -25.99 -9.73
C PHE C 55 8.17 -25.44 -9.07
N SER C 56 8.52 -24.20 -9.42
CA SER C 56 9.57 -23.51 -8.70
C SER C 56 9.06 -22.90 -7.39
N THR C 57 7.81 -22.44 -7.34
CA THR C 57 7.26 -21.86 -6.13
C THR C 57 6.16 -22.75 -5.53
N PHE C 58 6.32 -23.07 -4.24
CA PHE C 58 5.27 -23.65 -3.41
C PHE C 58 5.41 -23.08 -2.01
N LYS C 59 4.44 -22.28 -1.57
CA LYS C 59 4.58 -21.53 -0.32
C LYS C 59 3.23 -21.38 0.35
N CYS C 60 3.13 -21.72 1.63
CA CYS C 60 1.85 -21.74 2.32
C CYS C 60 1.81 -20.74 3.46
N TYR C 61 0.59 -20.32 3.81
CA TYR C 61 0.31 -19.32 4.83
C TYR C 61 -0.89 -19.78 5.64
N GLY C 62 -0.77 -19.72 6.97
CA GLY C 62 -1.84 -20.12 7.86
C GLY C 62 -2.17 -21.60 7.87
N VAL C 63 -1.39 -22.41 7.16
CA VAL C 63 -1.58 -23.86 7.16
C VAL C 63 -0.22 -24.49 6.90
N SER C 64 -0.01 -25.66 7.48
CA SER C 64 1.28 -26.28 7.29
C SER C 64 1.19 -27.42 6.28
N PRO C 65 2.19 -27.54 5.41
CA PRO C 65 2.22 -28.69 4.49
C PRO C 65 2.17 -30.02 5.22
N THR C 66 2.66 -30.09 6.45
CA THR C 66 2.62 -31.32 7.22
C THR C 66 1.20 -31.81 7.48
N LYS C 67 0.21 -30.90 7.46
CA LYS C 67 -1.17 -31.24 7.78
C LYS C 67 -2.13 -31.23 6.60
N LEU C 68 -1.72 -30.76 5.42
CA LEU C 68 -2.66 -30.60 4.32
C LEU C 68 -3.44 -31.89 4.05
N ASN C 69 -2.77 -33.03 4.02
CA ASN C 69 -3.46 -34.30 3.80
C ASN C 69 -4.22 -34.80 5.03
N ASP C 70 -4.20 -34.05 6.13
CA ASP C 70 -4.90 -34.44 7.34
C ASP C 70 -5.98 -33.44 7.76
N LEU C 71 -6.29 -32.46 6.91
CA LEU C 71 -7.27 -31.44 7.24
C LEU C 71 -8.48 -31.53 6.32
N CYS C 72 -9.60 -31.00 6.80
CA CYS C 72 -10.84 -30.89 6.03
C CYS C 72 -11.25 -29.42 5.99
N PHE C 73 -11.82 -28.99 4.86
CA PHE C 73 -12.28 -27.63 4.71
C PHE C 73 -13.65 -27.60 4.06
N THR C 74 -14.37 -26.51 4.31
CA THR C 74 -15.66 -26.31 3.66
C THR C 74 -15.51 -26.23 2.15
N ASN C 75 -14.65 -25.35 1.66
CA ASN C 75 -14.37 -25.30 0.23
C ASN C 75 -12.90 -25.01 0.01
N VAL C 76 -12.43 -25.31 -1.20
CA VAL C 76 -11.11 -24.86 -1.64
C VAL C 76 -11.28 -24.11 -2.95
N TYR C 77 -10.65 -22.93 -3.04
CA TYR C 77 -10.73 -22.13 -4.25
C TYR C 77 -9.37 -22.14 -4.95
N ALA C 78 -9.39 -22.33 -6.27
CA ALA C 78 -8.18 -22.37 -7.08
C ALA C 78 -8.21 -21.22 -8.07
N ASP C 79 -7.37 -20.20 -7.84
CA ASP C 79 -7.26 -19.06 -8.73
C ASP C 79 -6.03 -19.24 -9.61
N SER C 80 -6.16 -19.01 -10.90
CA SER C 80 -5.05 -19.24 -11.82
C SER C 80 -4.91 -18.06 -12.78
N PHE C 81 -3.67 -17.84 -13.22
CA PHE C 81 -3.35 -16.74 -14.12
C PHE C 81 -1.88 -16.73 -14.54
N VAL C 82 -1.51 -15.80 -15.42
CA VAL C 82 -0.15 -15.67 -15.93
C VAL C 82 0.37 -14.28 -15.55
N ILE C 83 1.63 -14.21 -15.10
CA ILE C 83 2.29 -12.96 -14.76
C ILE C 83 3.77 -13.08 -15.13
N ARG C 84 4.52 -12.00 -14.92
CA ARG C 84 5.97 -12.10 -15.04
C ARG C 84 6.57 -12.89 -13.89
N GLY C 85 7.73 -13.50 -14.14
CA GLY C 85 8.43 -14.21 -13.09
C GLY C 85 8.78 -13.31 -11.92
N ASP C 86 9.35 -12.13 -12.21
CA ASP C 86 9.71 -11.20 -11.16
C ASP C 86 8.49 -10.59 -10.48
N GLU C 87 7.29 -10.97 -10.91
CA GLU C 87 6.06 -10.54 -10.24
C GLU C 87 5.48 -11.60 -9.32
N VAL C 88 6.03 -12.83 -9.33
CA VAL C 88 5.48 -13.89 -8.48
C VAL C 88 5.58 -13.50 -7.01
N ARG C 89 6.60 -12.72 -6.64
CA ARG C 89 6.75 -12.25 -5.27
C ARG C 89 5.57 -11.40 -4.81
N GLN C 90 4.85 -10.76 -5.74
CA GLN C 90 3.71 -9.95 -5.33
C GLN C 90 2.49 -10.77 -4.92
N ILE C 91 2.45 -12.06 -5.27
CA ILE C 91 1.32 -12.89 -4.92
C ILE C 91 1.55 -13.44 -3.51
N ALA C 92 1.41 -12.57 -2.52
CA ALA C 92 1.65 -12.92 -1.12
C ALA C 92 1.04 -11.82 -0.27
N PRO C 93 0.75 -12.11 1.00
CA PRO C 93 0.21 -11.07 1.89
C PRO C 93 1.22 -9.93 2.09
N GLY C 94 0.68 -8.73 2.22
CA GLY C 94 1.51 -7.58 2.55
C GLY C 94 2.42 -7.09 1.45
N GLN C 95 2.11 -7.37 0.19
CA GLN C 95 2.92 -6.92 -0.92
C GLN C 95 2.27 -5.73 -1.62
N THR C 96 3.11 -4.88 -2.22
CA THR C 96 2.64 -3.84 -3.12
C THR C 96 3.37 -3.98 -4.45
N GLY C 97 2.81 -3.33 -5.46
CA GLY C 97 3.32 -3.43 -6.82
C GLY C 97 2.17 -3.45 -7.80
N LYS C 98 2.46 -3.44 -9.10
CA LYS C 98 1.40 -3.30 -10.08
C LYS C 98 0.39 -4.44 -9.98
N ILE C 99 0.87 -5.66 -9.78
CA ILE C 99 -0.02 -6.81 -9.73
C ILE C 99 -0.85 -6.80 -8.45
N ALA C 100 -0.19 -6.66 -7.30
CA ALA C 100 -0.91 -6.66 -6.03
C ALA C 100 -1.82 -5.45 -5.91
N ASP C 101 -1.42 -4.30 -6.46
CA ASP C 101 -2.25 -3.11 -6.34
C ASP C 101 -3.45 -3.17 -7.28
N TYR C 102 -3.26 -3.59 -8.53
CA TYR C 102 -4.26 -3.39 -9.56
C TYR C 102 -4.85 -4.67 -10.14
N ASN C 103 -4.34 -5.85 -9.79
CA ASN C 103 -4.76 -7.06 -10.48
C ASN C 103 -5.21 -8.19 -9.56
N TYR C 104 -4.37 -8.59 -8.61
CA TYR C 104 -4.70 -9.70 -7.72
C TYR C 104 -4.06 -9.44 -6.36
N LYS C 105 -4.89 -9.25 -5.34
CA LYS C 105 -4.44 -8.86 -4.01
C LYS C 105 -4.87 -9.91 -3.00
N LEU C 106 -3.88 -10.41 -2.17
CA LEU C 106 -4.11 -11.35 -1.09
C LEU C 106 -4.20 -10.63 0.25
N PRO C 107 -5.08 -11.07 1.16
CA PRO C 107 -5.21 -10.39 2.45
C PRO C 107 -4.11 -10.78 3.42
N ASP C 108 -3.93 -9.92 4.44
CA ASP C 108 -2.98 -10.21 5.51
C ASP C 108 -3.25 -11.56 6.15
N ASP C 109 -4.52 -11.89 6.37
CA ASP C 109 -4.90 -13.11 7.06
C ASP C 109 -5.10 -14.29 6.11
N PHE C 110 -4.44 -14.27 4.94
CA PHE C 110 -4.59 -15.31 3.94
C PHE C 110 -4.29 -16.69 4.52
N THR C 111 -5.15 -17.65 4.18
CA THR C 111 -4.96 -19.06 4.53
C THR C 111 -4.96 -19.85 3.22
N GLY C 112 -3.77 -20.24 2.75
CA GLY C 112 -3.70 -21.00 1.53
C GLY C 112 -2.25 -21.14 1.07
N CYS C 113 -2.10 -21.66 -0.15
CA CYS C 113 -0.79 -21.90 -0.71
C CYS C 113 -0.70 -21.30 -2.11
N VAL C 114 0.52 -20.94 -2.50
CA VAL C 114 0.82 -20.32 -3.79
C VAL C 114 1.80 -21.21 -4.53
N ILE C 115 1.49 -21.50 -5.79
CA ILE C 115 2.28 -22.39 -6.63
C ILE C 115 2.54 -21.68 -7.95
N ALA C 116 3.78 -21.72 -8.43
CA ALA C 116 4.10 -21.02 -9.66
C ALA C 116 5.21 -21.76 -10.40
N TRP C 117 5.17 -21.66 -11.74
CA TRP C 117 6.18 -22.30 -12.57
C TRP C 117 6.33 -21.56 -13.89
N ASN C 118 7.55 -21.61 -14.43
CA ASN C 118 7.88 -20.92 -15.67
C ASN C 118 7.17 -21.59 -16.85
N SER C 119 6.49 -20.77 -17.66
CA SER C 119 5.74 -21.27 -18.80
C SER C 119 6.20 -20.61 -20.11
N ASN C 120 7.49 -20.28 -20.21
CA ASN C 120 8.00 -19.62 -21.41
C ASN C 120 7.73 -20.45 -22.65
N ASN C 121 7.84 -21.77 -22.54
CA ASN C 121 7.65 -22.65 -23.69
C ASN C 121 6.22 -22.67 -24.19
N LEU C 122 5.26 -22.23 -23.38
CA LEU C 122 3.85 -22.31 -23.74
C LEU C 122 3.18 -20.94 -23.92
N ASP C 123 3.61 -19.92 -23.19
CA ASP C 123 2.92 -18.64 -23.15
C ASP C 123 3.67 -17.53 -23.87
N SER C 124 4.81 -17.82 -24.48
CA SER C 124 5.52 -16.84 -25.30
C SER C 124 5.26 -17.10 -26.78
N LYS C 125 5.47 -16.07 -27.59
CA LYS C 125 5.33 -16.16 -29.03
C LYS C 125 6.42 -15.30 -29.64
N VAL C 126 6.98 -15.76 -30.75
CA VAL C 126 7.96 -14.95 -31.47
C VAL C 126 7.28 -13.69 -31.96
N GLY C 127 7.91 -12.54 -31.74
CA GLY C 127 7.28 -11.28 -32.05
C GLY C 127 6.33 -10.76 -30.99
N GLY C 128 6.13 -11.50 -29.90
CA GLY C 128 5.30 -11.04 -28.81
C GLY C 128 3.89 -11.60 -28.77
N ASN C 129 3.46 -12.06 -27.60
CA ASN C 129 2.10 -12.55 -27.40
C ASN C 129 1.22 -11.38 -26.97
N TYR C 130 0.22 -11.07 -27.78
CA TYR C 130 -0.69 -9.97 -27.52
C TYR C 130 -1.87 -10.36 -26.65
N ASN C 131 -1.94 -11.61 -26.21
CA ASN C 131 -3.14 -12.12 -25.55
C ASN C 131 -3.09 -11.95 -24.03
N TYR C 132 -1.92 -12.00 -23.41
CA TYR C 132 -1.82 -11.85 -21.95
C TYR C 132 -1.69 -10.38 -21.61
N LEU C 133 -2.53 -9.93 -20.67
CA LEU C 133 -2.62 -8.53 -20.31
C LEU C 133 -2.63 -8.39 -18.78
N TYR C 134 -2.32 -7.17 -18.32
CA TYR C 134 -2.49 -6.79 -16.93
C TYR C 134 -3.04 -5.38 -16.90
N ARG C 135 -3.67 -5.01 -15.78
CA ARG C 135 -4.23 -3.68 -15.63
C ARG C 135 -3.11 -2.69 -15.26
N LEU C 136 -2.90 -1.70 -16.12
CA LEU C 136 -1.83 -0.72 -15.92
C LEU C 136 -2.28 0.52 -15.16
N PHE C 137 -3.53 0.95 -15.32
CA PHE C 137 -4.03 2.14 -14.65
C PHE C 137 -5.26 1.79 -13.82
N ARG C 138 -5.39 2.43 -12.66
CA ARG C 138 -6.58 2.27 -11.84
C ARG C 138 -6.68 3.45 -10.87
N LYS C 139 -7.92 3.81 -10.54
CA LYS C 139 -8.17 4.93 -9.65
C LYS C 139 -7.71 4.65 -8.22
N SER C 140 -7.70 3.39 -7.81
CA SER C 140 -7.35 3.01 -6.45
C SER C 140 -7.00 1.54 -6.41
N ASN C 141 -6.35 1.13 -5.32
CA ASN C 141 -5.92 -0.26 -5.16
C ASN C 141 -7.11 -1.19 -4.90
N LEU C 142 -6.97 -2.42 -5.40
CA LEU C 142 -7.96 -3.46 -5.12
C LEU C 142 -7.97 -3.82 -3.64
N LYS C 143 -9.16 -4.12 -3.14
CA LYS C 143 -9.29 -4.81 -1.87
C LYS C 143 -8.87 -6.27 -2.05
N PRO C 144 -8.57 -6.98 -0.96
CA PRO C 144 -8.16 -8.38 -1.12
C PRO C 144 -9.23 -9.21 -1.82
N PHE C 145 -8.78 -10.01 -2.79
CA PHE C 145 -9.61 -10.91 -3.59
C PHE C 145 -10.59 -10.17 -4.51
N GLU C 146 -10.47 -8.85 -4.63
CA GLU C 146 -11.30 -8.11 -5.56
C GLU C 146 -10.87 -8.38 -6.99
N ARG C 147 -11.81 -8.29 -7.92
CA ARG C 147 -11.57 -8.56 -9.33
C ARG C 147 -12.13 -7.43 -10.16
N ASP C 148 -11.33 -6.92 -11.10
CA ASP C 148 -11.71 -5.79 -11.95
C ASP C 148 -11.47 -6.19 -13.40
N ILE C 149 -12.55 -6.30 -14.17
CA ILE C 149 -12.48 -6.66 -15.58
C ILE C 149 -13.09 -5.57 -16.48
N SER C 150 -13.23 -4.36 -15.96
CA SER C 150 -13.73 -3.27 -16.78
C SER C 150 -12.63 -2.74 -17.70
N THR C 151 -13.04 -2.02 -18.74
CA THR C 151 -12.12 -1.38 -19.67
C THR C 151 -12.47 0.10 -19.85
N GLU C 152 -12.81 0.77 -18.74
CA GLU C 152 -13.09 2.20 -18.81
C GLU C 152 -11.82 2.98 -19.16
N ILE C 153 -11.98 3.97 -20.03
CA ILE C 153 -10.86 4.84 -20.38
C ILE C 153 -10.40 5.58 -19.12
N TYR C 154 -9.09 5.58 -18.90
CA TYR C 154 -8.50 6.13 -17.68
C TYR C 154 -8.15 7.60 -17.89
N GLN C 155 -8.58 8.45 -16.97
CA GLN C 155 -8.28 9.88 -17.02
C GLN C 155 -6.93 10.12 -16.36
N ALA C 156 -5.92 10.40 -17.17
CA ALA C 156 -4.60 10.70 -16.64
C ALA C 156 -4.39 12.18 -16.36
N GLY C 157 -5.09 13.04 -17.08
CA GLY C 157 -5.01 14.47 -16.88
C GLY C 157 -6.15 15.01 -16.04
N SER C 158 -6.18 16.34 -15.91
CA SER C 158 -7.23 17.01 -15.16
C SER C 158 -8.56 17.04 -15.89
N THR C 159 -8.55 16.86 -17.22
CA THR C 159 -9.75 17.00 -18.05
C THR C 159 -10.41 15.64 -18.25
N PRO C 160 -11.73 15.55 -18.07
CA PRO C 160 -12.40 14.25 -18.20
C PRO C 160 -12.40 13.72 -19.63
N CYS C 161 -12.49 12.39 -19.74
CA CYS C 161 -12.41 11.70 -21.02
C CYS C 161 -13.77 11.41 -21.64
N ASN C 162 -14.81 11.30 -20.82
CA ASN C 162 -16.16 10.99 -21.29
C ASN C 162 -16.17 9.72 -22.15
N GLY C 163 -15.41 8.71 -21.71
CA GLY C 163 -15.41 7.42 -22.37
C GLY C 163 -14.70 7.35 -23.70
N VAL C 164 -13.90 8.35 -24.05
CA VAL C 164 -13.26 8.44 -25.37
C VAL C 164 -11.77 8.33 -25.19
N GLU C 165 -11.17 7.27 -25.74
CA GLU C 165 -9.73 7.12 -25.74
C GLU C 165 -9.09 8.23 -26.57
N GLY C 166 -7.99 8.77 -26.05
CA GLY C 166 -7.32 9.86 -26.74
C GLY C 166 -6.29 10.60 -25.92
N PHE C 167 -6.22 11.91 -26.13
CA PHE C 167 -5.27 12.77 -25.45
C PHE C 167 -5.47 12.67 -23.94
N ASN C 168 -4.44 12.19 -23.23
CA ASN C 168 -4.46 12.01 -21.77
C ASN C 168 -5.52 11.01 -21.32
N CYS C 169 -5.99 10.15 -22.22
CA CYS C 169 -7.13 9.28 -21.93
C CYS C 169 -6.80 7.90 -22.50
N TYR C 170 -6.36 6.99 -21.64
CA TYR C 170 -5.66 5.78 -22.05
C TYR C 170 -6.51 4.54 -21.78
N PHE C 171 -6.32 3.55 -22.64
CA PHE C 171 -6.87 2.22 -22.39
C PHE C 171 -6.21 1.65 -21.14
N PRO C 172 -6.97 1.05 -20.22
CA PRO C 172 -6.39 0.70 -18.92
C PRO C 172 -5.61 -0.60 -18.91
N LEU C 173 -5.64 -1.38 -19.98
CA LEU C 173 -4.97 -2.67 -20.01
C LEU C 173 -3.70 -2.58 -20.86
N GLN C 174 -2.66 -3.31 -20.41
CA GLN C 174 -1.37 -3.34 -21.08
C GLN C 174 -0.99 -4.79 -21.39
N SER C 175 -0.44 -5.00 -22.58
CA SER C 175 0.00 -6.32 -23.03
C SER C 175 1.41 -6.61 -22.53
N TYR C 176 1.61 -7.82 -22.03
CA TYR C 176 2.95 -8.26 -21.64
C TYR C 176 3.86 -8.41 -22.86
N GLY C 177 3.32 -8.85 -23.98
CA GLY C 177 4.12 -9.09 -25.17
C GLY C 177 5.25 -10.09 -24.98
N PHE C 178 4.98 -11.20 -24.30
CA PHE C 178 6.01 -12.20 -24.02
C PHE C 178 6.73 -12.64 -25.28
N GLN C 179 8.05 -12.60 -25.23
CA GLN C 179 8.93 -13.10 -26.27
C GLN C 179 9.82 -14.20 -25.71
N PRO C 180 10.08 -15.26 -26.47
CA PRO C 180 10.85 -16.39 -25.92
C PRO C 180 12.26 -16.04 -25.51
N THR C 181 12.83 -14.96 -26.06
CA THR C 181 14.21 -14.59 -25.83
C THR C 181 14.41 -13.67 -24.63
N ASN C 182 13.33 -13.23 -23.99
CA ASN C 182 13.46 -12.37 -22.83
C ASN C 182 14.19 -13.07 -21.69
N GLY C 183 14.72 -12.28 -20.77
CA GLY C 183 15.35 -12.84 -19.58
C GLY C 183 14.34 -13.58 -18.72
N VAL C 184 14.88 -14.38 -17.80
CA VAL C 184 14.03 -15.32 -17.05
C VAL C 184 13.00 -14.55 -16.21
N GLY C 185 13.40 -13.39 -15.66
CA GLY C 185 12.48 -12.59 -14.87
C GLY C 185 11.34 -11.99 -15.67
N TYR C 186 11.55 -11.76 -16.96
CA TYR C 186 10.54 -11.18 -17.84
C TYR C 186 9.72 -12.23 -18.57
N GLN C 187 9.98 -13.52 -18.33
CA GLN C 187 9.27 -14.59 -18.99
C GLN C 187 7.93 -14.87 -18.30
N PRO C 188 6.97 -15.46 -19.01
CA PRO C 188 5.67 -15.73 -18.39
C PRO C 188 5.74 -16.88 -17.40
N TYR C 189 4.98 -16.74 -16.33
CA TYR C 189 4.83 -17.73 -15.28
C TYR C 189 3.37 -17.99 -15.02
N ARG C 190 3.04 -19.27 -14.85
CA ARG C 190 1.70 -19.68 -14.48
C ARG C 190 1.62 -19.83 -12.96
N VAL C 191 0.55 -19.28 -12.39
CA VAL C 191 0.35 -19.21 -10.95
C VAL C 191 -1.02 -19.79 -10.61
N VAL C 192 -1.05 -20.59 -9.55
CA VAL C 192 -2.27 -21.10 -8.94
C VAL C 192 -2.22 -20.81 -7.45
N VAL C 193 -3.28 -20.20 -6.94
CA VAL C 193 -3.43 -19.84 -5.54
C VAL C 193 -4.59 -20.67 -4.99
N LEU C 194 -4.29 -21.49 -3.97
CA LEU C 194 -5.29 -22.30 -3.31
C LEU C 194 -5.67 -21.62 -1.99
N SER C 195 -6.95 -21.30 -1.85
CA SER C 195 -7.50 -20.77 -0.62
C SER C 195 -8.35 -21.84 0.07
N PHE C 196 -8.22 -21.92 1.38
CA PHE C 196 -8.94 -22.91 2.18
C PHE C 196 -9.99 -22.19 3.01
N GLU C 197 -11.26 -22.52 2.77
CA GLU C 197 -12.37 -21.86 3.43
C GLU C 197 -13.04 -22.80 4.40
N LEU C 198 -13.23 -22.31 5.63
CA LEU C 198 -13.97 -23.00 6.68
C LEU C 198 -15.24 -22.20 6.97
N LEU C 199 -16.39 -22.83 6.77
CA LEU C 199 -17.68 -22.23 7.07
C LEU C 199 -18.44 -23.09 8.07
N HIS C 200 -19.62 -22.60 8.47
CA HIS C 200 -20.54 -23.35 9.31
C HIS C 200 -21.36 -24.26 8.41
N ALA C 201 -20.71 -25.32 7.94
CA ALA C 201 -21.26 -26.20 6.94
C ALA C 201 -20.52 -27.53 7.03
N PRO C 202 -20.97 -28.57 6.33
CA PRO C 202 -20.22 -29.83 6.39
C PRO C 202 -18.91 -29.68 5.63
N ALA C 203 -17.86 -30.24 6.20
CA ALA C 203 -16.58 -30.23 5.51
C ALA C 203 -16.67 -31.12 4.29
N THR C 204 -16.17 -30.63 3.17
CA THR C 204 -16.36 -31.31 1.91
C THR C 204 -15.10 -31.58 1.12
N VAL C 205 -14.01 -30.88 1.40
CA VAL C 205 -12.70 -31.15 0.81
C VAL C 205 -11.80 -31.63 1.93
N CYS C 206 -11.35 -32.88 1.85
CA CYS C 206 -10.57 -33.49 2.91
C CYS C 206 -9.31 -34.12 2.32
N GLY C 207 -8.29 -34.24 3.17
CA GLY C 207 -7.09 -34.95 2.81
C GLY C 207 -7.35 -36.44 2.79
N PRO C 208 -6.44 -37.22 2.19
CA PRO C 208 -6.66 -38.68 2.15
C PRO C 208 -6.79 -39.32 3.52
N LYS C 209 -6.08 -38.81 4.51
CA LYS C 209 -6.14 -39.42 5.84
C LYS C 209 -7.45 -39.13 6.56
N LYS C 210 -8.40 -38.46 5.91
CA LYS C 210 -9.73 -38.22 6.46
C LYS C 210 -10.83 -38.50 5.44
N SER C 211 -10.64 -39.52 4.60
CA SER C 211 -11.51 -39.72 3.44
C SER C 211 -12.95 -40.01 3.86
N THR C 212 -13.14 -40.70 4.98
CA THR C 212 -14.49 -41.10 5.40
C THR C 212 -15.25 -39.93 6.01
N ASN C 213 -15.31 -38.81 5.30
CA ASN C 213 -16.09 -37.64 5.72
C ASN C 213 -16.96 -37.13 4.58
N GLU D 1 7.14 -48.08 11.11
CA GLU D 1 6.72 -46.91 10.35
C GLU D 1 7.90 -46.02 9.95
N VAL D 2 7.70 -45.26 8.88
CA VAL D 2 8.75 -44.41 8.32
C VAL D 2 8.88 -43.16 9.15
N GLN D 3 10.12 -42.72 9.38
CA GLN D 3 10.39 -41.49 10.09
C GLN D 3 11.56 -40.78 9.43
N VAL D 4 11.56 -39.46 9.51
CA VAL D 4 12.66 -38.64 8.98
C VAL D 4 13.13 -37.70 10.07
N VAL D 5 14.45 -37.61 10.24
CA VAL D 5 15.08 -36.77 11.25
C VAL D 5 15.99 -35.79 10.56
N GLU D 6 15.87 -34.51 10.91
CA GLU D 6 16.74 -33.48 10.37
C GLU D 6 17.94 -33.27 11.29
N SER D 7 19.06 -32.89 10.70
CA SER D 7 20.25 -32.56 11.47
C SER D 7 21.16 -31.69 10.63
N GLY D 8 22.20 -31.16 11.27
CA GLY D 8 23.17 -30.31 10.60
C GLY D 8 22.93 -28.81 10.68
N GLY D 9 21.99 -28.36 11.51
CA GLY D 9 21.70 -26.95 11.64
C GLY D 9 22.40 -26.32 12.83
N GLY D 10 22.38 -25.00 12.87
CA GLY D 10 23.01 -24.28 13.97
C GLY D 10 23.30 -22.84 13.60
N LEU D 11 24.19 -22.24 14.39
CA LEU D 11 24.52 -20.83 14.27
C LEU D 11 25.59 -20.62 13.20
N VAL D 12 25.36 -19.63 12.33
CA VAL D 12 26.24 -19.37 11.20
C VAL D 12 26.24 -17.87 10.90
N GLN D 13 27.39 -17.36 10.33
CA GLN D 13 27.64 -15.99 9.91
C GLN D 13 27.27 -15.81 8.44
N PRO D 14 26.74 -14.64 8.08
CA PRO D 14 26.40 -14.38 6.67
C PRO D 14 27.54 -14.73 5.72
N GLY D 15 27.18 -15.27 4.56
CA GLY D 15 28.14 -15.78 3.61
C GLY D 15 28.65 -17.17 3.93
N GLY D 16 28.37 -17.69 5.13
CA GLY D 16 28.79 -19.00 5.54
C GLY D 16 27.99 -20.09 4.84
N SER D 17 28.16 -21.30 5.35
CA SER D 17 27.61 -22.50 4.71
C SER D 17 27.02 -23.43 5.75
N LEU D 18 26.03 -24.22 5.32
CA LEU D 18 25.51 -25.30 6.14
C LEU D 18 25.11 -26.44 5.23
N ARG D 19 25.14 -27.66 5.76
CA ARG D 19 24.66 -28.81 5.00
C ARG D 19 23.73 -29.61 5.90
N LEU D 20 22.43 -29.57 5.60
CA LEU D 20 21.43 -30.27 6.38
C LEU D 20 21.22 -31.68 5.85
N SER D 21 20.85 -32.57 6.77
CA SER D 21 20.63 -33.97 6.44
C SER D 21 19.23 -34.37 6.89
N CYS D 22 18.53 -35.08 6.00
CA CYS D 22 17.22 -35.66 6.24
C CYS D 22 17.43 -37.16 6.21
N ALA D 23 17.51 -37.78 7.38
CA ALA D 23 17.79 -39.20 7.49
C ALA D 23 16.49 -39.95 7.74
N ALA D 24 16.22 -40.95 6.92
CA ALA D 24 14.99 -41.71 7.01
C ALA D 24 15.26 -43.08 7.61
N SER D 25 14.30 -43.58 8.38
CA SER D 25 14.34 -44.92 8.93
C SER D 25 12.98 -45.58 8.70
N GLY D 26 12.98 -46.89 8.61
CA GLY D 26 11.75 -47.63 8.37
C GLY D 26 11.37 -47.79 6.92
N THR D 27 12.17 -47.20 6.04
CA THR D 27 11.97 -47.26 4.61
C THR D 27 12.21 -48.60 3.93
N GLY D 28 13.24 -49.32 4.36
CA GLY D 28 13.54 -50.61 3.78
C GLY D 28 13.70 -50.89 2.30
N SER D 29 14.66 -50.29 1.64
CA SER D 29 14.87 -50.55 0.19
C SER D 29 13.85 -49.82 -0.67
N THR D 30 13.02 -49.06 -0.02
CA THR D 30 11.93 -48.37 -0.70
C THR D 30 12.13 -46.86 -0.73
N PHE D 31 13.17 -46.36 -0.05
CA PHE D 31 13.44 -44.93 0.06
C PHE D 31 13.44 -44.25 -1.31
N SER D 32 14.05 -44.90 -2.32
CA SER D 32 14.25 -44.25 -3.62
C SER D 32 12.95 -43.93 -4.34
N THR D 33 11.84 -44.54 -3.94
CA THR D 33 10.59 -44.35 -4.67
C THR D 33 9.86 -43.07 -4.29
N TYR D 34 10.28 -42.39 -3.23
CA TYR D 34 9.60 -41.20 -2.75
C TYR D 34 10.32 -39.92 -3.20
N ALA D 35 9.55 -38.86 -3.34
CA ALA D 35 10.12 -37.53 -3.43
C ALA D 35 10.56 -37.05 -2.06
N MET D 36 11.42 -36.05 -2.05
CA MET D 36 11.90 -35.44 -0.81
C MET D 36 11.95 -33.94 -0.97
N GLY D 37 11.52 -33.23 0.06
CA GLY D 37 11.47 -31.78 0.00
C GLY D 37 12.00 -31.15 1.27
N TRP D 38 12.52 -29.93 1.11
CA TRP D 38 13.01 -29.10 2.20
C TRP D 38 12.21 -27.81 2.25
N TYR D 39 11.76 -27.48 3.46
CA TYR D 39 10.89 -26.36 3.77
C TYR D 39 11.49 -25.58 4.94
N ARG D 40 11.15 -24.29 5.02
CA ARG D 40 11.52 -23.46 6.16
C ARG D 40 10.34 -22.64 6.61
N GLN D 41 10.25 -22.42 7.92
CA GLN D 41 9.12 -21.73 8.52
C GLN D 41 9.45 -20.27 8.81
N ALA D 42 8.52 -19.39 8.49
CA ALA D 42 8.59 -17.95 8.73
C ALA D 42 7.50 -17.56 9.73
N PRO D 43 7.63 -16.42 10.41
CA PRO D 43 6.61 -16.05 11.40
C PRO D 43 5.27 -15.82 10.74
N GLY D 44 4.22 -16.19 11.45
CA GLY D 44 2.88 -16.09 10.91
C GLY D 44 2.36 -17.36 10.30
N ASN D 45 2.96 -18.51 10.62
CA ASN D 45 2.60 -19.79 10.01
C ASN D 45 2.83 -19.74 8.50
N GLN D 46 3.98 -19.21 8.09
CA GLN D 46 4.41 -19.22 6.70
C GLN D 46 5.37 -20.38 6.47
N HIS D 47 5.09 -21.18 5.45
CA HIS D 47 5.89 -22.35 5.11
C HIS D 47 6.28 -22.24 3.65
N GLU D 48 7.59 -22.24 3.38
CA GLU D 48 8.12 -22.07 2.04
C GLU D 48 8.88 -23.32 1.65
N ARG D 49 8.48 -23.96 0.56
CA ARG D 49 9.26 -25.07 0.04
C ARG D 49 10.52 -24.51 -0.59
N VAL D 50 11.68 -24.89 -0.06
CA VAL D 50 12.94 -24.33 -0.52
C VAL D 50 13.68 -25.27 -1.47
N ALA D 51 13.34 -26.56 -1.47
CA ALA D 51 13.92 -27.45 -2.46
C ALA D 51 13.06 -28.69 -2.61
N ILE D 52 13.04 -29.25 -3.81
CA ILE D 52 12.33 -30.50 -4.09
C ILE D 52 13.19 -31.37 -5.00
N ILE D 53 13.22 -32.67 -4.73
CA ILE D 53 13.83 -33.63 -5.64
C ILE D 53 12.92 -34.85 -5.73
N ASP D 54 12.59 -35.26 -6.95
CA ASP D 54 11.67 -36.37 -7.14
C ASP D 54 12.44 -37.69 -7.29
N SER D 55 11.69 -38.76 -7.54
CA SER D 55 12.27 -40.11 -7.48
C SER D 55 13.29 -40.36 -8.57
N VAL D 56 13.29 -39.57 -9.64
CA VAL D 56 14.29 -39.72 -10.71
C VAL D 56 15.32 -38.59 -10.67
N GLY D 57 15.33 -37.78 -9.63
CA GLY D 57 16.36 -36.78 -9.43
C GLY D 57 16.08 -35.41 -9.99
N ASN D 58 14.90 -35.17 -10.56
CA ASN D 58 14.55 -33.83 -11.01
C ASN D 58 14.49 -32.88 -9.82
N THR D 59 14.99 -31.66 -10.00
CA THR D 59 15.02 -30.67 -8.93
C THR D 59 14.34 -29.37 -9.36
N ASN D 60 14.03 -28.56 -8.36
CA ASN D 60 13.57 -27.20 -8.57
C ASN D 60 13.75 -26.42 -7.28
N TYR D 61 13.76 -25.10 -7.41
CA TYR D 61 14.02 -24.19 -6.30
C TYR D 61 13.29 -22.88 -6.56
N PRO D 62 12.94 -22.13 -5.51
CA PRO D 62 12.42 -20.78 -5.72
C PRO D 62 13.54 -19.79 -5.99
N ASP D 63 13.15 -18.61 -6.47
CA ASP D 63 14.12 -17.60 -6.87
C ASP D 63 15.00 -17.16 -5.71
N SER D 64 14.42 -17.06 -4.51
CA SER D 64 15.17 -16.54 -3.37
C SER D 64 16.44 -17.34 -3.08
N VAL D 65 16.43 -18.64 -3.37
CA VAL D 65 17.55 -19.51 -3.05
C VAL D 65 18.19 -20.15 -4.28
N LYS D 66 17.64 -19.94 -5.47
CA LYS D 66 18.21 -20.53 -6.67
C LYS D 66 19.65 -20.05 -6.83
N GLY D 67 20.56 -20.99 -7.09
CA GLY D 67 21.97 -20.70 -7.14
C GLY D 67 22.68 -20.82 -5.80
N ARG D 68 21.96 -20.66 -4.69
CA ARG D 68 22.56 -20.72 -3.36
C ARG D 68 22.29 -22.05 -2.66
N PHE D 69 21.16 -22.68 -2.93
CA PHE D 69 20.79 -23.95 -2.29
C PHE D 69 20.81 -25.06 -3.32
N THR D 70 21.25 -26.25 -2.91
CA THR D 70 21.25 -27.43 -3.77
C THR D 70 20.81 -28.64 -2.96
N ILE D 71 19.79 -29.33 -3.45
CA ILE D 71 19.28 -30.53 -2.78
C ILE D 71 19.83 -31.76 -3.47
N SER D 72 20.14 -32.79 -2.69
CA SER D 72 20.62 -34.04 -3.26
C SER D 72 20.10 -35.20 -2.42
N ARG D 73 20.23 -36.40 -2.96
CA ARG D 73 19.75 -37.60 -2.28
C ARG D 73 20.73 -38.75 -2.47
N ASP D 74 20.85 -39.56 -1.43
CA ASP D 74 21.72 -40.74 -1.35
C ASP D 74 20.80 -41.90 -1.00
N ASN D 75 20.42 -42.68 -2.03
CA ASN D 75 19.49 -43.79 -1.91
C ASN D 75 20.10 -45.04 -1.29
N ALA D 76 21.42 -45.12 -1.18
CA ALA D 76 22.01 -46.23 -0.44
C ALA D 76 21.95 -46.01 1.06
N LYS D 77 22.18 -44.77 1.47
CA LYS D 77 22.15 -44.38 2.88
C LYS D 77 20.76 -43.96 3.35
N ASN D 78 19.76 -43.93 2.45
CA ASN D 78 18.40 -43.51 2.78
C ASN D 78 18.39 -42.09 3.36
N THR D 79 19.25 -41.23 2.81
CA THR D 79 19.42 -39.90 3.38
C THR D 79 19.41 -38.87 2.26
N GLY D 80 18.90 -37.67 2.58
CA GLY D 80 18.91 -36.56 1.67
C GLY D 80 19.65 -35.39 2.31
N TYR D 81 19.98 -34.40 1.48
CA TYR D 81 20.80 -33.29 1.95
C TYR D 81 20.36 -31.99 1.30
N LEU D 82 20.52 -30.90 2.06
CA LEU D 82 20.40 -29.53 1.55
C LEU D 82 21.72 -28.81 1.78
N GLN D 83 22.40 -28.47 0.69
CA GLN D 83 23.62 -27.66 0.72
C GLN D 83 23.23 -26.19 0.61
N MET D 84 23.58 -25.41 1.63
CA MET D 84 23.20 -24.02 1.78
C MET D 84 24.46 -23.16 1.67
N ASN D 85 24.58 -22.43 0.56
CA ASN D 85 25.71 -21.53 0.26
C ASN D 85 25.28 -20.08 0.39
N SER D 86 26.25 -19.22 0.67
CA SER D 86 26.07 -17.76 0.65
C SER D 86 24.85 -17.32 1.46
N LEU D 87 24.79 -17.80 2.70
CA LEU D 87 23.62 -17.56 3.52
C LEU D 87 23.45 -16.08 3.82
N LYS D 88 22.20 -15.68 4.02
CA LYS D 88 21.82 -14.32 4.36
C LYS D 88 20.99 -14.39 5.62
N SER D 89 20.93 -13.27 6.35
CA SER D 89 20.20 -13.24 7.61
C SER D 89 18.76 -13.68 7.44
N GLU D 90 18.18 -13.43 6.26
CA GLU D 90 16.80 -13.82 5.95
C GLU D 90 16.61 -15.33 5.87
N ASP D 91 17.70 -16.12 5.79
CA ASP D 91 17.60 -17.56 5.73
C ASP D 91 17.41 -18.21 7.10
N THR D 92 17.37 -17.41 8.16
CA THR D 92 17.14 -17.93 9.50
C THR D 92 15.73 -18.52 9.59
N ALA D 93 15.63 -19.76 10.08
CA ALA D 93 14.33 -20.43 10.14
C ALA D 93 14.49 -21.82 10.74
N VAL D 94 13.34 -22.42 11.05
CA VAL D 94 13.25 -23.86 11.28
C VAL D 94 13.13 -24.52 9.91
N TYR D 95 14.03 -25.46 9.62
CA TYR D 95 14.02 -26.20 8.37
C TYR D 95 13.57 -27.64 8.62
N TYR D 96 12.60 -28.10 7.84
CA TYR D 96 12.10 -29.47 7.98
C TYR D 96 11.98 -30.10 6.59
N CYS D 97 12.02 -31.42 6.57
CA CYS D 97 12.05 -32.18 5.33
C CYS D 97 10.88 -33.16 5.29
N ASN D 98 10.61 -33.66 4.08
CA ASN D 98 9.60 -34.70 3.91
C ASN D 98 10.09 -35.74 2.92
N LEU D 99 9.57 -36.95 3.09
CA LEU D 99 9.81 -38.08 2.19
C LEU D 99 8.44 -38.69 1.93
N GLY D 100 7.99 -38.61 0.68
CA GLY D 100 6.61 -38.94 0.37
C GLY D 100 5.66 -38.06 1.17
N THR D 101 4.91 -38.66 2.09
CA THR D 101 3.93 -37.93 2.89
C THR D 101 4.29 -37.91 4.37
N ILE D 102 5.53 -38.29 4.72
CA ILE D 102 5.99 -38.33 6.11
C ILE D 102 6.87 -37.12 6.35
N TRP D 103 6.67 -36.46 7.49
CA TRP D 103 7.30 -35.17 7.78
C TRP D 103 8.19 -35.24 9.02
N GLY D 104 9.22 -34.39 9.03
CA GLY D 104 10.10 -34.26 10.16
C GLY D 104 9.83 -33.02 11.01
N GLN D 105 10.32 -33.06 12.25
CA GLN D 105 10.11 -31.95 13.18
C GLN D 105 10.97 -30.73 12.86
N GLY D 106 12.10 -30.90 12.19
CA GLY D 106 12.93 -29.80 11.77
C GLY D 106 14.11 -29.54 12.68
N THR D 107 15.00 -28.67 12.21
CA THR D 107 16.18 -28.22 12.93
C THR D 107 16.39 -26.74 12.69
N GLN D 108 16.98 -26.07 13.67
CA GLN D 108 17.10 -24.62 13.66
C GLN D 108 18.33 -24.15 12.89
N VAL D 109 18.15 -23.12 12.07
CA VAL D 109 19.22 -22.46 11.34
C VAL D 109 19.17 -20.98 11.68
N THR D 110 20.31 -20.43 12.13
CA THR D 110 20.38 -19.05 12.59
C THR D 110 21.59 -18.38 11.93
N VAL D 111 21.32 -17.43 11.05
CA VAL D 111 22.37 -16.69 10.35
C VAL D 111 22.26 -15.22 10.70
N SER D 112 23.21 -14.73 11.51
CA SER D 112 23.22 -13.33 11.90
C SER D 112 24.65 -12.89 12.20
N SER D 113 24.87 -11.58 12.17
CA SER D 113 26.18 -11.02 12.48
C SER D 113 26.42 -10.93 13.97
C1 NAG E . 1.31 36.38 1.86
C2 NAG E . 1.62 36.40 3.35
C3 NAG E . 0.45 37.02 4.12
C4 NAG E . 0.05 38.38 3.55
C5 NAG E . -0.10 38.31 2.02
C6 NAG E . -0.23 39.67 1.37
C7 NAG E . 2.81 34.79 4.77
C8 NAG E . 2.94 33.34 5.17
N2 NAG E . 1.89 35.06 3.85
O3 NAG E . 0.80 37.16 5.49
O4 NAG E . -1.20 38.71 4.12
O5 NAG E . 1.04 37.68 1.42
O6 NAG E . -1.56 40.18 1.43
O7 NAG E . 3.53 35.66 5.25
C1 NAG E . -1.42 40.07 4.55
C2 NAG E . -2.79 40.08 5.21
C3 NAG E . -3.16 41.49 5.60
C4 NAG E . -2.09 42.08 6.52
C5 NAG E . -0.69 41.94 5.91
C6 NAG E . 0.42 42.29 6.88
C7 NAG E . -4.18 38.21 4.42
C8 NAG E . -5.23 37.77 3.45
N2 NAG E . -3.80 39.49 4.33
O3 NAG E . -4.42 41.50 6.26
O4 NAG E . -2.36 43.47 6.74
O5 NAG E . -0.44 40.58 5.49
O6 NAG E . 0.62 41.25 7.82
O7 NAG E . -3.69 37.45 5.25
C1 NAG F . -0.44 -32.84 -14.86
C2 NAG F . -0.76 -33.45 -13.49
C3 NAG F . 0.41 -34.32 -13.01
C4 NAG F . 0.74 -35.37 -14.06
C5 NAG F . 1.06 -34.69 -15.39
C6 NAG F . 1.30 -35.67 -16.52
C7 NAG F . -1.98 -32.60 -11.55
C8 NAG F . -2.17 -31.44 -10.61
N2 NAG F . -1.07 -32.43 -12.51
O3 NAG F . 0.06 -34.94 -11.78
O4 NAG F . 1.87 -36.14 -13.65
O5 NAG F . -0.06 -33.88 -15.79
O6 NAG F . 0.17 -36.49 -16.77
O7 NAG F . -2.62 -33.64 -11.44
#